data_1J4W
#
_entry.id   1J4W
#
_cell.length_a   1.000
_cell.length_b   1.000
_cell.length_c   1.000
_cell.angle_alpha   90.00
_cell.angle_beta   90.00
_cell.angle_gamma   90.00
#
_symmetry.space_group_name_H-M   'P 1'
#
loop_
_entity.id
_entity.type
_entity.pdbx_description
1 polymer "DNA (5'-D(*GP*TP*A*TP*AP*TP*TP*CP*CP*CP*TP*CP*GP*GP*G*AP*TP*TP*TP*TP*TP*TP*AP*TP*TP*TP*TP*GP*T)-3')"
2 polymer 'FUSE binding protein'
#
loop_
_entity_poly.entity_id
_entity_poly.type
_entity_poly.pdbx_seq_one_letter_code
_entity_poly.pdbx_strand_id
1 'polydeoxyribonucleotide'
;(DG)(DT)(DA)(DT)(DA)(DT)(DT)(DC)(DC)(DC)(DT)(DC)(DG)(DG)(DG)(DA)(DT)(DT)(DT)(DT)
(DT)(DT)(DA)(DT)(DT)(DT)(DT)(DG)(DT)
;
B
2 'polypeptide(L)'
;GSHMIDVPIPRFAVGIVIGRNGEMIKKIQNDAGVRIQFKPDDGTTPERIAQITGPPDRAQHAAEIITDLLRSVQAGNPGG
PGPGGRGRGRGQGNWNMGPPGGLQEFNFIVPTGKTGLIIGKGGETIKSISQQSGARIELQRNPPPNADPNMKLFTIRGTP
QQIDYARQLIEEKI
;
A
#
# COMPACT_ATOMS: atom_id res chain seq x y z
N GLY B 1 -12.43 -29.28 -39.05
CA GLY B 1 -11.29 -28.97 -38.14
C GLY B 1 -11.79 -28.18 -36.94
N SER B 2 -10.98 -28.06 -35.91
CA SER B 2 -11.42 -27.30 -34.71
C SER B 2 -11.55 -25.82 -35.05
N HIS B 3 -12.40 -25.12 -34.34
CA HIS B 3 -12.56 -23.67 -34.60
C HIS B 3 -11.31 -22.98 -34.07
N MET B 4 -10.78 -22.04 -34.79
CA MET B 4 -9.54 -21.34 -34.33
C MET B 4 -9.88 -19.88 -34.06
N ILE B 5 -9.56 -19.39 -32.89
CA ILE B 5 -9.88 -17.98 -32.56
C ILE B 5 -8.69 -17.31 -31.88
N ASP B 6 -8.37 -16.13 -32.34
CA ASP B 6 -7.23 -15.37 -31.73
C ASP B 6 -7.76 -14.52 -30.58
N VAL B 7 -6.90 -14.15 -29.66
CA VAL B 7 -7.35 -13.32 -28.51
C VAL B 7 -6.25 -12.29 -28.21
N PRO B 8 -6.53 -11.00 -28.34
CA PRO B 8 -5.51 -9.95 -28.08
C PRO B 8 -5.19 -9.85 -26.59
N ILE B 9 -3.94 -9.82 -26.24
CA ILE B 9 -3.57 -9.74 -24.79
C ILE B 9 -2.29 -8.92 -24.61
N PRO B 10 -2.30 -7.88 -23.81
CA PRO B 10 -1.08 -7.07 -23.57
C PRO B 10 0.11 -7.94 -23.15
N ARG B 11 1.29 -7.59 -23.58
CA ARG B 11 2.49 -8.39 -23.21
C ARG B 11 2.61 -8.50 -21.69
N PHE B 12 2.34 -7.44 -20.98
CA PHE B 12 2.43 -7.50 -19.49
C PHE B 12 1.34 -8.42 -18.94
N ALA B 13 0.37 -8.76 -19.74
CA ALA B 13 -0.74 -9.64 -19.25
C ALA B 13 -0.62 -11.04 -19.83
N VAL B 14 0.23 -11.25 -20.79
CA VAL B 14 0.34 -12.62 -21.38
C VAL B 14 0.66 -13.65 -20.29
N GLY B 15 1.45 -13.28 -19.33
CA GLY B 15 1.81 -14.22 -18.23
C GLY B 15 0.56 -14.72 -17.51
N ILE B 16 -0.55 -14.01 -17.62
CA ILE B 16 -1.78 -14.46 -16.89
C ILE B 16 -2.36 -15.68 -17.60
N VAL B 17 -2.41 -15.66 -18.90
CA VAL B 17 -2.97 -16.82 -19.65
C VAL B 17 -2.02 -18.00 -19.53
N ILE B 18 -0.76 -17.77 -19.76
CA ILE B 18 0.23 -18.87 -19.65
C ILE B 18 0.34 -19.33 -18.20
N GLY B 19 0.47 -18.41 -17.29
CA GLY B 19 0.60 -18.80 -15.85
C GLY B 19 2.03 -19.21 -15.56
N ARG B 20 2.42 -19.24 -14.32
CA ARG B 20 3.82 -19.65 -13.99
C ARG B 20 3.93 -21.16 -14.13
N ASN B 21 5.00 -21.62 -14.74
CA ASN B 21 5.18 -23.09 -14.93
C ASN B 21 4.03 -23.63 -15.77
N GLY B 22 3.20 -22.76 -16.29
CA GLY B 22 2.06 -23.21 -17.14
C GLY B 22 0.90 -23.70 -16.27
N GLU B 23 0.89 -23.38 -15.00
CA GLU B 23 -0.24 -23.84 -14.14
C GLU B 23 -1.56 -23.39 -14.75
N MET B 24 -1.61 -22.23 -15.35
CA MET B 24 -2.89 -21.75 -15.95
C MET B 24 -3.16 -22.48 -17.26
N ILE B 25 -2.27 -22.37 -18.20
CA ILE B 25 -2.48 -23.04 -19.52
C ILE B 25 -2.66 -24.55 -19.32
N LYS B 26 -1.79 -25.18 -18.58
CA LYS B 26 -1.93 -26.64 -18.37
C LYS B 26 -3.27 -26.94 -17.68
N LYS B 27 -3.61 -26.18 -16.68
CA LYS B 27 -4.90 -26.41 -15.97
C LYS B 27 -6.06 -26.13 -16.92
N ILE B 28 -6.08 -24.98 -17.53
CA ILE B 28 -7.18 -24.67 -18.49
C ILE B 28 -7.10 -25.64 -19.66
N GLN B 29 -5.92 -25.95 -20.11
CA GLN B 29 -5.79 -26.91 -21.23
C GLN B 29 -6.48 -28.22 -20.82
N ASN B 30 -6.21 -28.68 -19.63
CA ASN B 30 -6.84 -29.94 -19.18
C ASN B 30 -8.32 -29.71 -18.90
N ASP B 31 -8.66 -28.61 -18.27
CA ASP B 31 -10.09 -28.34 -17.98
C ASP B 31 -10.87 -28.09 -19.26
N ALA B 32 -10.30 -27.34 -20.18
CA ALA B 32 -11.04 -27.02 -21.44
C ALA B 32 -10.55 -27.89 -22.60
N GLY B 33 -9.35 -28.39 -22.56
CA GLY B 33 -8.88 -29.22 -23.71
C GLY B 33 -8.56 -28.33 -24.91
N VAL B 34 -7.71 -27.35 -24.73
CA VAL B 34 -7.37 -26.44 -25.87
C VAL B 34 -5.85 -26.20 -25.93
N ARG B 35 -5.35 -25.83 -27.07
CA ARG B 35 -3.89 -25.55 -27.20
C ARG B 35 -3.71 -24.06 -27.53
N ILE B 36 -2.92 -23.36 -26.77
CA ILE B 36 -2.74 -21.90 -27.03
C ILE B 36 -1.37 -21.63 -27.66
N GLN B 37 -1.37 -21.00 -28.80
CA GLN B 37 -0.07 -20.65 -29.47
C GLN B 37 0.00 -19.13 -29.57
N PHE B 38 0.91 -18.51 -28.87
CA PHE B 38 1.02 -17.03 -28.92
C PHE B 38 1.77 -16.61 -30.18
N LYS B 39 1.33 -15.55 -30.82
CA LYS B 39 2.01 -15.09 -32.06
C LYS B 39 2.38 -13.60 -31.90
N PRO B 40 3.42 -13.16 -32.56
CA PRO B 40 3.86 -11.75 -32.50
C PRO B 40 2.66 -10.80 -32.45
N ASP B 41 2.87 -9.58 -32.01
CA ASP B 41 1.74 -8.62 -31.94
C ASP B 41 1.45 -8.06 -33.34
N ASP B 42 0.41 -8.54 -33.98
CA ASP B 42 0.08 -8.01 -35.34
C ASP B 42 -0.81 -6.78 -35.19
N GLY B 43 -0.38 -5.67 -35.73
CA GLY B 43 -1.18 -4.42 -35.60
C GLY B 43 -0.29 -3.37 -34.96
N THR B 44 0.99 -3.61 -34.94
CA THR B 44 1.95 -2.64 -34.36
C THR B 44 1.64 -2.42 -32.87
N THR B 45 0.50 -2.85 -32.40
CA THR B 45 0.15 -2.63 -30.97
C THR B 45 1.10 -3.45 -30.08
N PRO B 46 1.45 -2.94 -28.92
CA PRO B 46 2.37 -3.65 -27.97
C PRO B 46 1.65 -4.76 -27.19
N GLU B 47 0.94 -5.63 -27.86
CA GLU B 47 0.21 -6.71 -27.13
C GLU B 47 0.31 -8.01 -27.92
N ARG B 48 0.50 -9.12 -27.25
CA ARG B 48 0.61 -10.40 -27.99
C ARG B 48 -0.76 -10.99 -28.26
N ILE B 49 -0.91 -11.50 -29.42
CA ILE B 49 -2.19 -12.14 -29.82
C ILE B 49 -2.11 -13.61 -29.44
N ALA B 50 -3.10 -14.13 -28.77
CA ALA B 50 -3.08 -15.57 -28.39
C ALA B 50 -3.91 -16.38 -29.37
N GLN B 51 -3.33 -17.38 -29.98
CA GLN B 51 -4.11 -18.20 -30.96
C GLN B 51 -4.61 -19.45 -30.22
N ILE B 52 -5.88 -19.50 -29.94
CA ILE B 52 -6.44 -20.67 -29.22
C ILE B 52 -7.18 -21.57 -30.21
N THR B 53 -7.15 -22.85 -30.01
CA THR B 53 -7.89 -23.76 -30.92
C THR B 53 -8.48 -24.91 -30.11
N GLY B 54 -9.57 -25.44 -30.57
CA GLY B 54 -10.21 -26.57 -29.86
C GLY B 54 -11.58 -26.83 -30.48
N PRO B 55 -12.22 -27.92 -30.15
CA PRO B 55 -13.55 -28.25 -30.70
C PRO B 55 -14.41 -26.99 -30.77
N PRO B 56 -15.18 -26.82 -31.81
CA PRO B 56 -16.02 -25.60 -31.95
C PRO B 56 -16.70 -25.22 -30.66
N ASP B 57 -17.05 -26.18 -29.85
CA ASP B 57 -17.71 -25.88 -28.54
C ASP B 57 -16.66 -25.41 -27.53
N ARG B 58 -15.66 -26.21 -27.32
CA ARG B 58 -14.61 -25.84 -26.33
C ARG B 58 -13.91 -24.55 -26.76
N ALA B 59 -13.83 -24.29 -28.03
CA ALA B 59 -13.15 -23.05 -28.49
C ALA B 59 -13.93 -21.85 -27.98
N GLN B 60 -15.24 -21.88 -28.07
CA GLN B 60 -16.04 -20.73 -27.58
C GLN B 60 -15.98 -20.65 -26.05
N HIS B 61 -16.35 -21.72 -25.38
CA HIS B 61 -16.35 -21.71 -23.90
C HIS B 61 -14.95 -21.44 -23.33
N ALA B 62 -13.93 -22.01 -23.91
CA ALA B 62 -12.56 -21.78 -23.37
C ALA B 62 -12.22 -20.30 -23.48
N ALA B 63 -12.58 -19.71 -24.58
CA ALA B 63 -12.28 -18.27 -24.78
C ALA B 63 -12.90 -17.45 -23.64
N GLU B 64 -14.02 -17.88 -23.14
CA GLU B 64 -14.69 -17.12 -22.03
C GLU B 64 -13.85 -17.17 -20.75
N ILE B 65 -13.26 -18.30 -20.43
CA ILE B 65 -12.45 -18.37 -19.18
C ILE B 65 -11.30 -17.36 -19.25
N ILE B 66 -10.55 -17.41 -20.30
CA ILE B 66 -9.40 -16.47 -20.45
C ILE B 66 -9.90 -15.03 -20.51
N THR B 67 -10.95 -14.77 -21.24
CA THR B 67 -11.45 -13.37 -21.28
C THR B 67 -11.91 -12.96 -19.88
N ASP B 68 -12.69 -13.78 -19.24
CA ASP B 68 -13.15 -13.42 -17.87
C ASP B 68 -11.93 -13.28 -16.96
N LEU B 69 -10.94 -14.11 -17.14
CA LEU B 69 -9.72 -14.00 -16.28
C LEU B 69 -8.94 -12.75 -16.68
N LEU B 70 -8.69 -12.57 -17.94
CA LEU B 70 -7.93 -11.38 -18.38
C LEU B 70 -8.62 -10.12 -17.87
N ARG B 71 -9.93 -10.09 -17.90
CA ARG B 71 -10.64 -8.89 -17.39
C ARG B 71 -10.22 -8.68 -15.94
N SER B 72 -10.02 -9.75 -15.23
CA SER B 72 -9.61 -9.63 -13.80
C SER B 72 -8.23 -8.97 -13.75
N VAL B 73 -7.49 -9.03 -14.82
CA VAL B 73 -6.14 -8.39 -14.85
C VAL B 73 -6.30 -6.91 -15.18
N GLN B 74 -7.34 -6.58 -15.87
CA GLN B 74 -7.58 -5.16 -16.24
C GLN B 74 -8.08 -4.40 -15.01
N GLN B 104 1.20 9.06 14.81
CA GLN B 104 0.72 10.42 14.41
C GLN B 104 1.67 11.45 15.01
N GLU B 105 1.78 12.61 14.41
CA GLU B 105 2.72 13.63 14.95
C GLU B 105 1.98 14.94 15.23
N PHE B 106 2.18 15.50 16.40
CA PHE B 106 1.53 16.79 16.74
C PHE B 106 2.47 17.61 17.63
N ASN B 107 2.54 18.89 17.43
CA ASN B 107 3.44 19.74 18.27
C ASN B 107 2.63 20.39 19.38
N PHE B 108 3.16 20.44 20.58
CA PHE B 108 2.41 21.07 21.71
C PHE B 108 3.08 22.40 22.07
N ILE B 109 2.33 23.47 22.11
CA ILE B 109 2.93 24.79 22.45
C ILE B 109 3.08 24.91 23.98
N VAL B 110 4.18 25.46 24.45
CA VAL B 110 4.37 25.59 25.93
C VAL B 110 4.99 26.95 26.29
N PRO B 111 4.31 27.80 27.03
CA PRO B 111 4.89 29.10 27.43
C PRO B 111 6.10 28.89 28.34
N THR B 112 7.15 29.64 28.15
CA THR B 112 8.36 29.48 28.99
C THR B 112 8.03 29.59 30.49
N GLY B 113 6.84 30.01 30.82
CA GLY B 113 6.48 30.15 32.26
C GLY B 113 6.05 28.81 32.85
N LYS B 114 5.35 27.99 32.11
CA LYS B 114 4.90 26.68 32.68
C LYS B 114 5.90 25.56 32.35
N THR B 115 6.95 25.86 31.65
CA THR B 115 7.94 24.79 31.29
C THR B 115 8.48 24.08 32.53
N GLY B 116 8.66 24.78 33.61
CA GLY B 116 9.20 24.12 34.83
C GLY B 116 8.20 23.10 35.39
N LEU B 117 6.93 23.40 35.36
CA LEU B 117 5.94 22.44 35.93
C LEU B 117 5.71 21.26 34.98
N ILE B 118 6.11 21.37 33.73
CA ILE B 118 5.89 20.24 32.78
C ILE B 118 7.03 19.21 32.89
N ILE B 119 8.26 19.62 32.70
CA ILE B 119 9.39 18.63 32.79
C ILE B 119 9.40 17.99 34.18
N GLY B 120 9.36 18.77 35.22
CA GLY B 120 9.38 18.19 36.58
C GLY B 120 10.81 17.94 37.02
N LYS B 121 10.99 17.59 38.26
CA LYS B 121 12.35 17.31 38.81
C LYS B 121 12.98 16.10 38.12
N GLY B 122 13.96 16.29 37.27
CA GLY B 122 14.62 15.12 36.59
C GLY B 122 13.75 14.59 35.46
N GLY B 123 12.73 15.31 35.07
CA GLY B 123 11.89 14.84 33.94
C GLY B 123 10.98 13.69 34.39
N GLU B 124 10.86 13.44 35.66
CA GLU B 124 9.95 12.34 36.10
C GLU B 124 8.57 12.54 35.48
N THR B 125 8.22 13.76 35.17
CA THR B 125 6.88 14.01 34.55
C THR B 125 6.92 13.68 33.05
N ILE B 126 7.81 14.28 32.31
CA ILE B 126 7.88 14.02 30.84
C ILE B 126 8.11 12.54 30.57
N LYS B 127 8.88 11.89 31.38
CA LYS B 127 9.12 10.43 31.17
C LYS B 127 7.80 9.69 31.42
N SER B 128 7.25 9.89 32.58
CA SER B 128 5.97 9.19 32.90
C SER B 128 5.03 9.37 31.71
N ILE B 129 4.87 10.58 31.24
CA ILE B 129 3.96 10.81 30.09
C ILE B 129 4.45 10.03 28.87
N SER B 130 5.73 10.08 28.56
CA SER B 130 6.23 9.33 27.37
C SER B 130 6.05 7.83 27.56
N GLN B 131 6.41 7.30 28.70
CA GLN B 131 6.29 5.82 28.89
C GLN B 131 4.82 5.40 28.90
N GLN B 132 3.99 6.05 29.68
CA GLN B 132 2.56 5.66 29.70
C GLN B 132 1.95 5.91 28.32
N SER B 133 2.32 6.99 27.70
CA SER B 133 1.78 7.28 26.34
C SER B 133 2.66 6.60 25.30
N GLY B 134 3.76 6.02 25.72
CA GLY B 134 4.67 5.31 24.78
C GLY B 134 5.14 6.24 23.66
N ALA B 135 4.72 7.47 23.65
CA ALA B 135 5.17 8.39 22.56
C ALA B 135 6.58 8.89 22.89
N ARG B 136 7.30 9.38 21.92
CA ARG B 136 8.67 9.89 22.19
C ARG B 136 8.63 11.41 22.27
N ILE B 137 8.92 11.99 23.41
CA ILE B 137 8.89 13.47 23.52
C ILE B 137 10.33 14.00 23.54
N GLU B 138 10.58 15.07 22.85
CA GLU B 138 11.95 15.66 22.86
C GLU B 138 11.82 17.19 22.72
N LEU B 139 12.25 17.93 23.71
CA LEU B 139 12.13 19.42 23.65
C LEU B 139 12.68 19.96 22.33
N GLN B 140 11.86 20.63 21.57
CA GLN B 140 12.34 21.25 20.31
C GLN B 140 12.80 22.68 20.60
N ARG B 141 14.04 22.99 20.36
CA ARG B 141 14.52 24.36 20.65
C ARG B 141 13.84 25.34 19.70
N ASN B 142 13.60 26.54 20.18
CA ASN B 142 12.98 27.59 19.31
C ASN B 142 14.03 28.69 19.08
N PRO B 143 14.42 28.94 17.85
CA PRO B 143 15.47 29.96 17.56
C PRO B 143 15.19 31.30 18.26
N PRO B 144 15.98 31.65 19.25
CA PRO B 144 15.81 32.94 19.96
C PRO B 144 15.80 34.14 18.98
N PRO B 145 16.70 34.18 18.01
CA PRO B 145 16.72 35.31 17.03
C PRO B 145 15.37 35.54 16.34
N ASN B 146 14.75 34.50 15.83
CA ASN B 146 13.45 34.67 15.10
C ASN B 146 12.27 34.16 15.94
N ALA B 147 12.41 33.05 16.60
CA ALA B 147 11.27 32.53 17.40
C ALA B 147 11.00 33.47 18.57
N ASP B 148 9.90 33.28 19.24
CA ASP B 148 9.57 34.16 20.39
C ASP B 148 10.14 33.54 21.68
N PRO B 149 11.11 34.16 22.30
CA PRO B 149 11.69 33.62 23.56
C PRO B 149 10.60 33.41 24.61
N ASN B 150 9.47 34.02 24.39
CA ASN B 150 8.33 33.88 25.35
C ASN B 150 7.66 32.52 25.11
N MET B 151 7.99 31.87 24.03
CA MET B 151 7.34 30.56 23.73
C MET B 151 8.38 29.50 23.33
N LYS B 152 8.12 28.28 23.69
CA LYS B 152 9.06 27.16 23.36
C LYS B 152 8.30 26.13 22.52
N LEU B 153 9.00 25.26 21.82
CA LEU B 153 8.30 24.25 20.98
C LEU B 153 8.57 22.84 21.53
N PHE B 154 7.52 22.11 21.81
CA PHE B 154 7.70 20.72 22.33
C PHE B 154 7.28 19.74 21.23
N THR B 155 8.16 18.87 20.83
CA THR B 155 7.79 17.89 19.77
C THR B 155 7.19 16.65 20.42
N ILE B 156 6.16 16.09 19.84
CA ILE B 156 5.56 14.86 20.43
C ILE B 156 5.17 13.91 19.31
N ARG B 157 5.69 12.70 19.31
CA ARG B 157 5.32 11.75 18.23
C ARG B 157 5.09 10.35 18.80
N GLY B 158 4.21 9.62 18.20
CA GLY B 158 3.89 8.24 18.65
C GLY B 158 2.82 7.69 17.71
N THR B 159 2.16 6.63 18.08
CA THR B 159 1.06 6.11 17.22
C THR B 159 -0.18 6.96 17.50
N PRO B 160 -1.06 7.13 16.55
CA PRO B 160 -2.30 7.93 16.75
C PRO B 160 -2.88 7.75 18.15
N GLN B 161 -3.12 6.53 18.56
CA GLN B 161 -3.67 6.27 19.91
C GLN B 161 -2.64 6.63 20.99
N GLN B 162 -1.37 6.44 20.71
CA GLN B 162 -0.32 6.73 21.73
C GLN B 162 -0.20 8.25 21.94
N ILE B 163 -0.12 9.01 20.89
CA ILE B 163 0.02 10.50 21.03
C ILE B 163 -1.21 11.10 21.71
N ASP B 164 -2.37 10.56 21.47
CA ASP B 164 -3.60 11.13 22.10
C ASP B 164 -3.51 10.94 23.60
N TYR B 165 -2.99 9.83 24.03
CA TYR B 165 -2.87 9.56 25.49
C TYR B 165 -1.91 10.59 26.12
N ALA B 166 -0.83 10.90 25.45
CA ALA B 166 0.13 11.89 26.03
C ALA B 166 -0.55 13.25 26.14
N ARG B 167 -1.26 13.64 25.12
CA ARG B 167 -1.93 14.97 25.18
C ARG B 167 -2.85 15.08 26.39
N GLN B 168 -3.57 14.04 26.70
CA GLN B 168 -4.51 14.11 27.85
C GLN B 168 -3.74 14.42 29.14
N LEU B 169 -2.69 13.70 29.43
CA LEU B 169 -1.95 14.02 30.68
C LEU B 169 -1.41 15.45 30.58
N ILE B 170 -0.75 15.76 29.50
CA ILE B 170 -0.20 17.14 29.34
C ILE B 170 -1.23 18.18 29.76
N GLU B 171 -2.40 18.14 29.20
CA GLU B 171 -3.42 19.16 29.57
C GLU B 171 -3.60 19.15 31.10
N GLU B 172 -4.34 18.22 31.62
CA GLU B 172 -4.60 18.19 33.08
C GLU B 172 -3.42 18.69 33.92
N LYS B 173 -2.21 18.76 33.39
CA LYS B 173 -1.07 19.26 34.23
C LYS B 173 -0.77 20.73 33.88
N ILE B 174 -1.22 21.21 32.74
CA ILE B 174 -0.97 22.65 32.42
C ILE B 174 -2.19 23.47 32.84
#